data_8RAY
#
_entry.id   8RAY
#
_cell.length_a   59.740
_cell.length_b   85.780
_cell.length_c   97.280
_cell.angle_alpha   90.00
_cell.angle_beta   90.00
_cell.angle_gamma   90.00
#
_symmetry.space_group_name_H-M   'P 21 21 21'
#
loop_
_entity.id
_entity.type
_entity.pdbx_description
1 polymer 'ParA family protein'
2 non-polymer 'MAGNESIUM ION'
3 non-polymer "ADENOSINE-5'-TRIPHOSPHATE"
4 water water
#
_entity_poly.entity_id   1
_entity_poly.type   'polypeptide(L)'
_entity_poly.pdbx_seq_one_letter_code
;GVGRIICISNQKGGVGKTTTAINLAASLASAERRTLLVDMAPQGNAGSGLGIKQDNITGTIYEALLNDRPIQELLHPTEL
RYLQVVPATPDLTGAEVELVNQDNREFRLRDALRPLAAEYDYIIIDCPPSLGLLTLNALAAADSVLIPLQCEYYALEGLS
QLTHTIDLVKQGLNPDLKMEGILLTMFDSRANIAHQVVEEVRGYFKKQVFEVIVPRNVRLSECPSFGKPIILYDIKSKGC
ESYLALGRELMKRDT
;
_entity_poly.pdbx_strand_id   B,A
#
loop_
_chem_comp.id
_chem_comp.type
_chem_comp.name
_chem_comp.formula
ATP non-polymer ADENOSINE-5'-TRIPHOSPHATE 'C10 H16 N5 O13 P3'
MG non-polymer 'MAGNESIUM ION' 'Mg 2'
#
# COMPACT_ATOMS: atom_id res chain seq x y z
N GLY A 1 20.08 11.06 28.73
CA GLY A 1 20.26 10.82 27.29
C GLY A 1 19.37 9.69 26.80
N VAL A 2 18.14 10.01 26.41
CA VAL A 2 17.20 8.98 25.89
C VAL A 2 16.77 9.40 24.48
N GLY A 3 16.85 8.48 23.53
CA GLY A 3 16.53 8.80 22.14
C GLY A 3 15.04 8.90 21.85
N ARG A 4 14.71 9.27 20.62
CA ARG A 4 13.31 9.47 20.22
C ARG A 4 12.89 8.38 19.25
N ILE A 5 11.73 7.78 19.48
CA ILE A 5 11.21 6.72 18.57
C ILE A 5 10.13 7.34 17.67
N ILE A 6 10.39 7.35 16.37
CA ILE A 6 9.46 8.00 15.40
C ILE A 6 8.87 6.96 14.45
N CYS A 7 7.55 6.86 14.43
CA CYS A 7 6.82 5.92 13.53
C CYS A 7 6.53 6.64 12.21
N ILE A 8 6.86 6.03 11.07
CA ILE A 8 6.50 6.61 9.73
C ILE A 8 5.23 5.89 9.29
N SER A 9 4.10 6.59 9.31
CA SER A 9 2.82 5.87 9.09
C SER A 9 1.90 6.54 8.07
N ASN A 10 1.27 5.73 7.26
CA ASN A 10 0.23 6.18 6.32
C ASN A 10 -0.36 4.94 5.67
N GLN A 11 -1.65 4.68 5.90
CA GLN A 11 -2.26 3.48 5.35
C GLN A 11 -2.39 3.56 3.82
N LYS A 12 -2.29 4.74 3.18
CA LYS A 12 -2.28 4.77 1.73
C LYS A 12 -1.02 4.11 1.20
N GLY A 13 -1.18 3.23 0.22
CA GLY A 13 0.00 2.59 -0.35
C GLY A 13 0.83 3.54 -1.22
N GLY A 14 2.16 3.46 -1.10
CA GLY A 14 3.04 4.10 -2.12
C GLY A 14 3.10 5.62 -2.04
N VAL A 15 3.17 6.18 -0.81
CA VAL A 15 3.18 7.62 -0.54
C VAL A 15 4.55 8.09 -0.09
N GLY A 16 5.56 7.22 -0.11
CA GLY A 16 6.89 7.64 0.32
C GLY A 16 7.25 7.30 1.79
N LYS A 17 6.51 6.39 2.44
CA LYS A 17 6.90 5.95 3.79
C LYS A 17 8.33 5.43 3.84
N THR A 18 8.62 4.43 3.01
CA THR A 18 9.93 3.80 3.04
C THR A 18 11.02 4.73 2.52
N THR A 19 10.75 5.47 1.45
CA THR A 19 11.75 6.42 0.95
C THR A 19 12.09 7.43 2.04
N THR A 20 11.09 7.85 2.80
CA THR A 20 11.34 8.77 3.90
C THR A 20 12.08 8.09 5.05
N ALA A 21 11.64 6.89 5.46
CA ALA A 21 12.32 6.16 6.52
C ALA A 21 13.82 6.00 6.23
N ILE A 22 14.15 5.49 5.06
CA ILE A 22 15.54 5.24 4.71
C ILE A 22 16.32 6.54 4.69
N ASN A 23 15.80 7.54 3.98
CA ASN A 23 16.61 8.72 3.73
C ASN A 23 16.65 9.66 4.89
N LEU A 24 15.61 9.70 5.73
CA LEU A 24 15.72 10.41 7.00
C LEU A 24 16.74 9.72 7.89
N ALA A 25 16.62 8.40 8.04
CA ALA A 25 17.58 7.67 8.87
C ALA A 25 18.99 7.88 8.41
N ALA A 26 19.22 7.85 7.08
CA ALA A 26 20.60 7.96 6.58
C ALA A 26 21.14 9.38 6.77
N SER A 27 20.25 10.38 6.65
CA SER A 27 20.64 11.77 6.91
C SER A 27 21.05 11.96 8.38
N LEU A 28 20.25 11.44 9.29
CA LEU A 28 20.57 11.54 10.71
C LEU A 28 21.88 10.83 11.03
N ALA A 29 22.10 9.64 10.44
CA ALA A 29 23.33 8.88 10.72
C ALA A 29 24.54 9.59 10.14
N SER A 30 24.38 10.22 8.97
CA SER A 30 25.46 10.99 8.36
C SER A 30 25.88 12.15 9.21
N ALA A 31 25.01 12.65 10.08
CA ALA A 31 25.33 13.67 11.07
C ALA A 31 25.80 13.07 12.38
N GLU A 32 26.17 11.79 12.41
CA GLU A 32 26.67 11.13 13.60
C GLU A 32 25.63 11.12 14.73
N ARG A 33 24.33 11.00 14.39
CA ARG A 33 23.33 10.63 15.38
C ARG A 33 23.14 9.13 15.25
N ARG A 34 23.24 8.41 16.36
CA ARG A 34 23.05 6.96 16.34
C ARG A 34 21.60 6.68 16.00
N THR A 35 21.37 5.96 14.92
CA THR A 35 20.03 5.77 14.38
C THR A 35 19.76 4.29 14.11
N LEU A 36 18.56 3.82 14.52
CA LEU A 36 18.12 2.46 14.26
C LEU A 36 16.85 2.53 13.43
N LEU A 37 16.85 1.80 12.32
CA LEU A 37 15.69 1.73 11.39
C LEU A 37 15.10 0.35 11.53
N VAL A 38 13.85 0.28 12.01
CA VAL A 38 13.13 -0.97 12.22
C VAL A 38 12.09 -1.09 11.10
N ASP A 39 12.10 -2.21 10.39
CA ASP A 39 11.16 -2.44 9.28
C ASP A 39 10.01 -3.31 9.79
N MET A 40 8.80 -2.74 9.85
CA MET A 40 7.62 -3.48 10.30
C MET A 40 6.73 -3.90 9.17
N ALA A 41 7.21 -3.68 7.90
CA ALA A 41 6.38 -4.00 6.72
C ALA A 41 6.77 -5.38 6.19
N PRO A 42 5.81 -6.28 5.96
CA PRO A 42 6.16 -7.60 5.37
C PRO A 42 6.88 -7.49 4.05
N GLN A 43 6.66 -6.40 3.30
CA GLN A 43 7.36 -6.18 2.03
C GLN A 43 8.84 -5.95 2.23
N GLY A 44 9.26 -5.47 3.40
CA GLY A 44 10.69 -5.36 3.70
C GLY A 44 11.48 -4.39 2.83
N ASN A 45 10.82 -3.32 2.36
CA ASN A 45 11.49 -2.36 1.43
C ASN A 45 12.56 -1.51 2.15
N ALA A 46 12.35 -1.19 3.44
CA ALA A 46 13.33 -0.35 4.16
C ALA A 46 14.67 -1.07 4.22
N GLY A 47 14.65 -2.35 4.59
CA GLY A 47 15.90 -3.10 4.59
C GLY A 47 16.45 -3.25 3.19
N SER A 48 15.59 -3.58 2.23
CA SER A 48 16.06 -3.84 0.84
C SER A 48 16.78 -2.61 0.27
N GLY A 49 16.23 -1.42 0.54
CA GLY A 49 16.82 -0.18 0.02
C GLY A 49 18.17 0.10 0.66
N LEU A 50 18.53 -0.67 1.68
CA LEU A 50 19.87 -0.50 2.33
C LEU A 50 20.69 -1.79 2.14
N GLY A 51 20.24 -2.68 1.26
CA GLY A 51 21.04 -3.88 0.94
C GLY A 51 20.78 -5.07 1.85
N ILE A 52 19.71 -4.99 2.65
CA ILE A 52 19.37 -6.11 3.57
C ILE A 52 18.03 -6.71 3.13
N LYS A 53 18.07 -7.95 2.66
CA LYS A 53 16.82 -8.63 2.23
C LYS A 53 16.95 -10.13 2.51
N GLN A 54 15.90 -10.73 3.08
CA GLN A 54 15.89 -12.19 3.34
C GLN A 54 14.44 -12.66 3.46
N ASP A 55 14.21 -13.94 3.22
CA ASP A 55 12.84 -14.50 3.35
C ASP A 55 12.65 -15.13 4.72
N ASN A 56 13.74 -15.53 5.37
CA ASN A 56 13.57 -16.29 6.59
C ASN A 56 13.38 -15.37 7.80
N ILE A 57 12.91 -15.95 8.89
CA ILE A 57 12.57 -15.13 10.04
C ILE A 57 13.76 -14.81 10.93
N THR A 58 14.76 -15.70 11.01
CA THR A 58 15.88 -15.46 11.94
C THR A 58 16.61 -14.15 11.66
N GLY A 59 16.78 -13.34 12.71
CA GLY A 59 17.44 -12.07 12.55
C GLY A 59 16.49 -10.92 12.25
N THR A 60 15.18 -11.21 12.15
CA THR A 60 14.24 -10.17 11.77
C THR A 60 13.37 -9.77 12.95
N ILE A 61 12.58 -8.72 12.74
CA ILE A 61 11.72 -8.24 13.82
C ILE A 61 10.66 -9.25 14.20
N TYR A 62 10.34 -10.21 13.34
CA TYR A 62 9.42 -11.30 13.69
C TYR A 62 9.78 -11.91 15.04
N GLU A 63 11.07 -12.19 15.23
CA GLU A 63 11.50 -12.88 16.44
C GLU A 63 11.25 -12.05 17.70
N ALA A 64 11.34 -10.70 17.59
CA ALA A 64 11.03 -9.84 18.75
C ALA A 64 9.53 -9.75 19.00
N LEU A 65 8.72 -9.81 17.93
CA LEU A 65 7.27 -9.72 18.13
C LEU A 65 6.69 -10.99 18.72
N LEU A 66 7.21 -12.15 18.31
CA LEU A 66 6.53 -13.40 18.67
C LEU A 66 7.38 -14.40 19.45
N ASN A 67 8.71 -14.32 19.36
CA ASN A 67 9.59 -15.31 19.98
C ASN A 67 10.42 -14.73 21.11
N ASP A 68 10.09 -13.56 21.63
CA ASP A 68 10.73 -12.94 22.79
C ASP A 68 12.24 -12.71 22.57
N ARG A 69 12.70 -12.62 21.36
CA ARG A 69 14.11 -12.38 21.16
C ARG A 69 14.45 -10.91 21.38
N PRO A 70 15.48 -10.60 22.12
CA PRO A 70 15.86 -9.19 22.30
C PRO A 70 16.22 -8.54 20.97
N ILE A 71 15.74 -7.30 20.76
CA ILE A 71 16.05 -6.57 19.53
C ILE A 71 17.55 -6.28 19.47
N GLN A 72 18.20 -6.21 20.63
CA GLN A 72 19.66 -6.06 20.68
C GLN A 72 20.39 -7.14 19.87
N GLU A 73 19.78 -8.31 19.63
CA GLU A 73 20.36 -9.39 18.86
C GLU A 73 20.09 -9.31 17.37
N LEU A 74 19.31 -8.33 16.94
CA LEU A 74 18.78 -8.27 15.60
C LEU A 74 19.34 -7.09 14.83
N LEU A 75 20.40 -6.46 15.35
CA LEU A 75 20.90 -5.23 14.76
C LEU A 75 21.82 -5.57 13.59
N HIS A 76 21.49 -5.07 12.39
CA HIS A 76 22.29 -5.34 11.18
C HIS A 76 23.05 -4.10 10.74
N PRO A 77 24.32 -4.23 10.34
CA PRO A 77 25.09 -3.05 9.93
C PRO A 77 24.70 -2.59 8.53
N THR A 78 24.96 -1.31 8.25
CA THR A 78 24.73 -0.73 6.92
C THR A 78 26.05 -0.13 6.44
N GLU A 79 25.99 0.56 5.29
CA GLU A 79 27.15 1.31 4.84
C GLU A 79 27.42 2.57 5.67
N LEU A 80 26.59 2.90 6.65
CA LEU A 80 26.80 4.05 7.52
C LEU A 80 26.99 3.55 8.96
N ARG A 81 28.15 3.89 9.57
CA ARG A 81 28.47 3.38 10.90
C ARG A 81 27.38 3.69 11.92
N TYR A 82 26.74 4.86 11.79
CA TYR A 82 25.74 5.29 12.76
C TYR A 82 24.32 4.82 12.41
N LEU A 83 24.15 3.97 11.40
CA LEU A 83 22.83 3.48 11.01
C LEU A 83 22.79 1.95 11.09
N GLN A 84 22.00 1.39 12.00
CA GLN A 84 21.73 -0.05 11.95
C GLN A 84 20.29 -0.28 11.54
N VAL A 85 20.01 -1.53 11.14
CA VAL A 85 18.66 -1.88 10.68
C VAL A 85 18.20 -3.16 11.38
N VAL A 86 16.92 -3.20 11.79
CA VAL A 86 16.29 -4.45 12.14
C VAL A 86 15.32 -4.79 11.01
N PRO A 87 15.59 -5.80 10.20
CA PRO A 87 14.82 -6.00 8.96
C PRO A 87 13.54 -6.78 9.20
N ALA A 88 12.71 -6.76 8.17
CA ALA A 88 11.47 -7.52 8.10
C ALA A 88 11.71 -8.86 7.41
N THR A 89 10.68 -9.70 7.43
CA THR A 89 10.48 -10.91 6.66
C THR A 89 9.09 -10.89 6.03
N PRO A 90 8.90 -11.46 4.84
CA PRO A 90 7.55 -11.61 4.33
C PRO A 90 6.67 -12.35 5.28
N ASP A 91 7.24 -13.16 6.18
CA ASP A 91 6.41 -13.88 7.12
C ASP A 91 5.80 -12.98 8.18
N LEU A 92 6.08 -11.67 8.15
CA LEU A 92 5.27 -10.77 8.97
C LEU A 92 3.80 -10.82 8.58
N THR A 93 3.46 -11.22 7.35
CA THR A 93 2.05 -11.46 7.03
C THR A 93 1.45 -12.49 7.97
N GLY A 94 2.14 -13.61 8.15
CA GLY A 94 1.66 -14.61 9.08
C GLY A 94 1.74 -14.14 10.51
N ALA A 95 2.79 -13.38 10.84
CA ALA A 95 2.89 -12.82 12.20
C ALA A 95 1.66 -11.99 12.55
N GLU A 96 1.14 -11.20 11.61
CA GLU A 96 0.04 -10.33 11.96
C GLU A 96 -1.22 -11.15 12.24
N VAL A 97 -1.35 -12.33 11.60
CA VAL A 97 -2.44 -13.24 11.94
C VAL A 97 -2.20 -13.86 13.32
N GLU A 98 -0.99 -14.34 13.53
CA GLU A 98 -0.64 -14.95 14.81
C GLU A 98 -0.82 -13.98 15.96
N LEU A 99 -0.51 -12.70 15.75
CA LEU A 99 -0.67 -11.71 16.81
C LEU A 99 -2.11 -11.59 17.29
N VAL A 100 -3.10 -11.91 16.45
CA VAL A 100 -4.51 -11.73 16.87
C VAL A 100 -4.79 -12.42 18.20
N ASN A 101 -4.26 -13.63 18.38
CA ASN A 101 -4.52 -14.42 19.57
C ASN A 101 -3.35 -14.42 20.53
N GLN A 102 -2.59 -13.34 20.58
CA GLN A 102 -1.46 -13.20 21.51
C GLN A 102 -1.82 -12.23 22.60
N ASP A 103 -1.53 -12.61 23.85
CA ASP A 103 -1.65 -11.68 24.97
C ASP A 103 -0.94 -10.37 24.67
N ASN A 104 -1.62 -9.25 24.92
CA ASN A 104 -0.98 -7.93 24.80
C ASN A 104 -0.39 -7.72 23.42
N ARG A 105 -1.14 -8.16 22.42
CA ARG A 105 -0.63 -8.15 21.05
C ARG A 105 -0.20 -6.77 20.57
N GLU A 106 -0.83 -5.69 21.06
CA GLU A 106 -0.53 -4.34 20.57
C GLU A 106 0.79 -3.80 21.12
N PHE A 107 1.32 -4.40 22.20
CA PHE A 107 2.49 -3.88 22.88
C PHE A 107 3.75 -4.70 22.67
N ARG A 108 3.74 -5.61 21.72
CA ARG A 108 4.93 -6.49 21.54
C ARG A 108 6.16 -5.64 21.14
N LEU A 109 5.97 -4.74 20.19
CA LEU A 109 7.11 -3.88 19.75
C LEU A 109 7.48 -2.91 20.88
N ARG A 110 6.49 -2.33 21.55
CA ARG A 110 6.80 -1.33 22.59
C ARG A 110 7.70 -1.97 23.64
N ASP A 111 7.31 -3.14 24.13
CA ASP A 111 8.06 -3.76 25.25
C ASP A 111 9.47 -4.14 24.80
N ALA A 112 9.63 -4.53 23.55
CA ALA A 112 10.96 -4.98 23.07
C ALA A 112 11.83 -3.81 22.61
N LEU A 113 11.23 -2.72 22.12
CA LEU A 113 12.02 -1.65 21.46
C LEU A 113 12.31 -0.45 22.36
N ARG A 114 11.38 -0.07 23.22
CA ARG A 114 11.58 1.21 23.98
C ARG A 114 12.92 1.19 24.74
N PRO A 115 13.39 0.07 25.29
CA PRO A 115 14.68 0.07 25.97
C PRO A 115 15.88 0.49 25.10
N LEU A 116 15.80 0.28 23.79
CA LEU A 116 16.93 0.58 22.89
C LEU A 116 17.13 2.10 22.74
N ALA A 117 16.17 2.90 23.22
CA ALA A 117 16.31 4.37 23.16
C ALA A 117 17.45 4.82 24.09
N ALA A 118 17.89 3.92 24.97
CA ALA A 118 19.04 4.23 25.85
C ALA A 118 20.33 4.18 25.02
N GLU A 119 20.27 3.56 23.85
CA GLU A 119 21.49 3.39 23.04
C GLU A 119 21.45 4.12 21.69
N TYR A 120 20.31 4.68 21.29
CA TYR A 120 20.17 5.34 20.01
C TYR A 120 19.64 6.75 20.22
N ASP A 121 20.09 7.67 19.38
CA ASP A 121 19.49 8.99 19.39
C ASP A 121 18.13 8.98 18.71
N TYR A 122 18.00 8.22 17.62
CA TYR A 122 16.73 8.13 16.87
C TYR A 122 16.43 6.67 16.53
N ILE A 123 15.18 6.28 16.72
CA ILE A 123 14.69 5.00 16.26
C ILE A 123 13.53 5.29 15.30
N ILE A 124 13.66 4.86 14.06
CA ILE A 124 12.69 5.16 13.00
C ILE A 124 12.01 3.86 12.61
N ILE A 125 10.67 3.83 12.68
CA ILE A 125 9.94 2.61 12.36
C ILE A 125 9.19 2.81 11.04
N ASP A 126 9.47 1.94 10.06
CA ASP A 126 8.80 2.02 8.76
C ASP A 126 7.57 1.13 8.81
N CYS A 127 6.42 1.66 8.51
CA CYS A 127 5.17 0.90 8.67
C CYS A 127 4.67 0.45 7.30
N PRO A 128 3.95 -0.67 7.26
CA PRO A 128 3.27 -1.06 6.00
C PRO A 128 2.04 -0.18 5.78
N PRO A 129 1.48 -0.22 4.57
CA PRO A 129 0.26 0.52 4.19
C PRO A 129 -0.99 -0.17 4.74
N SER A 130 -1.19 0.06 6.03
CA SER A 130 -2.24 -0.61 6.79
C SER A 130 -2.35 0.02 8.16
N LEU A 131 -3.54 -0.20 8.79
CA LEU A 131 -3.77 0.22 10.17
C LEU A 131 -4.03 -1.01 11.05
N GLY A 132 -3.54 -2.17 10.61
CA GLY A 132 -3.68 -3.41 11.36
C GLY A 132 -2.63 -3.55 12.45
N LEU A 133 -2.48 -4.77 12.95
CA LEU A 133 -1.72 -4.98 14.17
C LEU A 133 -0.21 -4.62 14.04
N LEU A 134 0.39 -4.75 12.84
CA LEU A 134 1.79 -4.33 12.70
C LEU A 134 1.91 -2.82 12.87
N THR A 135 1.07 -2.05 12.13
CA THR A 135 1.11 -0.60 12.31
C THR A 135 0.73 -0.17 13.72
N LEU A 136 -0.29 -0.82 14.32
CA LEU A 136 -0.67 -0.44 15.69
C LEU A 136 0.49 -0.70 16.64
N ASN A 137 1.24 -1.81 16.46
CA ASN A 137 2.45 -2.02 17.27
C ASN A 137 3.42 -0.85 17.14
N ALA A 138 3.62 -0.36 15.89
CA ALA A 138 4.55 0.74 15.70
C ALA A 138 4.04 1.99 16.39
N LEU A 139 2.74 2.28 16.26
CA LEU A 139 2.18 3.48 16.87
C LEU A 139 2.20 3.37 18.39
N ALA A 140 1.96 2.16 18.92
CA ALA A 140 1.95 2.01 20.38
C ALA A 140 3.34 2.06 20.98
N ALA A 141 4.38 1.85 20.17
CA ALA A 141 5.77 1.86 20.64
C ALA A 141 6.41 3.24 20.59
N ALA A 142 5.89 4.14 19.76
CA ALA A 142 6.60 5.34 19.37
C ALA A 142 6.41 6.47 20.35
N ASP A 143 7.37 7.40 20.33
CA ASP A 143 7.19 8.70 20.95
C ASP A 143 6.39 9.63 20.04
N SER A 144 6.56 9.51 18.74
CA SER A 144 5.87 10.42 17.83
C SER A 144 5.64 9.74 16.49
N VAL A 145 4.75 10.33 15.70
CA VAL A 145 4.41 9.79 14.38
C VAL A 145 4.69 10.85 13.34
N LEU A 146 5.36 10.45 12.29
CA LEU A 146 5.65 11.31 11.14
C LEU A 146 4.82 10.78 9.97
N ILE A 147 3.99 11.64 9.40
CA ILE A 147 3.09 11.22 8.32
C ILE A 147 3.63 11.74 6.99
N PRO A 148 4.05 10.87 6.09
CA PRO A 148 4.38 11.28 4.72
C PRO A 148 3.08 11.37 3.96
N LEU A 149 2.89 12.49 3.26
CA LEU A 149 1.62 12.75 2.57
C LEU A 149 1.95 13.06 1.11
N GLN A 150 1.76 12.06 0.24
CA GLN A 150 1.88 12.25 -1.17
C GLN A 150 0.90 13.33 -1.65
N CYS A 151 1.38 14.21 -2.52
CA CYS A 151 0.59 15.35 -2.98
C CYS A 151 -0.34 14.93 -4.14
N GLU A 152 -1.19 13.94 -3.85
CA GLU A 152 -2.21 13.45 -4.80
C GLU A 152 -3.48 13.20 -4.01
N TYR A 153 -4.58 13.06 -4.76
CA TYR A 153 -5.92 13.07 -4.17
C TYR A 153 -6.12 11.93 -3.15
N TYR A 154 -5.87 10.68 -3.54
CA TYR A 154 -6.21 9.58 -2.62
C TYR A 154 -5.44 9.73 -1.29
N ALA A 155 -4.15 10.10 -1.34
CA ALA A 155 -3.44 10.25 -0.08
C ALA A 155 -4.07 11.33 0.80
N LEU A 156 -4.44 12.48 0.20
CA LEU A 156 -5.11 13.52 0.99
C LEU A 156 -6.41 13.00 1.58
N GLU A 157 -7.18 12.28 0.77
CA GLU A 157 -8.49 11.79 1.20
C GLU A 157 -8.39 10.91 2.43
N GLY A 158 -7.25 10.21 2.59
CA GLY A 158 -7.01 9.24 3.64
C GLY A 158 -6.53 9.85 4.93
N LEU A 159 -6.18 11.14 4.91
CA LEU A 159 -5.53 11.74 6.07
C LEU A 159 -6.44 11.75 7.28
N SER A 160 -7.74 12.04 7.11
CA SER A 160 -8.58 12.13 8.31
C SER A 160 -8.76 10.76 8.99
N GLN A 161 -8.84 9.69 8.21
CA GLN A 161 -8.88 8.36 8.82
C GLN A 161 -7.58 8.05 9.56
N LEU A 162 -6.47 8.49 9.01
CA LEU A 162 -5.18 8.23 9.66
C LEU A 162 -5.07 8.98 10.98
N THR A 163 -5.39 10.28 10.99
CA THR A 163 -5.31 11.02 12.26
C THR A 163 -6.34 10.53 13.26
N HIS A 164 -7.50 10.07 12.78
CA HIS A 164 -8.50 9.50 13.69
C HIS A 164 -7.93 8.26 14.36
N THR A 165 -7.29 7.40 13.58
CA THR A 165 -6.75 6.18 14.16
C THR A 165 -5.60 6.50 15.09
N ILE A 166 -4.78 7.52 14.76
CA ILE A 166 -3.69 7.86 15.68
C ILE A 166 -4.25 8.39 17.00
N ASP A 167 -5.30 9.20 16.93
CA ASP A 167 -5.96 9.66 18.13
C ASP A 167 -6.47 8.49 18.95
N LEU A 168 -7.08 7.49 18.30
CA LEU A 168 -7.57 6.35 19.04
C LEU A 168 -6.43 5.61 19.74
N VAL A 169 -5.29 5.47 19.09
CA VAL A 169 -4.11 4.88 19.75
C VAL A 169 -3.68 5.71 20.93
N LYS A 170 -3.66 7.03 20.77
CA LYS A 170 -3.25 7.91 21.86
C LYS A 170 -4.16 7.72 23.06
N GLN A 171 -5.47 7.66 22.82
CA GLN A 171 -6.41 7.55 23.93
C GLN A 171 -6.34 6.20 24.60
N GLY A 172 -6.07 5.15 23.84
CA GLY A 172 -6.24 3.84 24.44
C GLY A 172 -5.00 3.01 24.66
N LEU A 173 -3.87 3.38 24.03
CA LEU A 173 -2.70 2.51 24.05
C LEU A 173 -1.41 3.25 24.36
N ASN A 174 -1.34 4.51 23.98
CA ASN A 174 -0.08 5.27 24.04
C ASN A 174 -0.40 6.73 24.28
N PRO A 175 -0.69 7.11 25.53
CA PRO A 175 -1.23 8.46 25.76
C PRO A 175 -0.23 9.57 25.50
N ASP A 176 1.09 9.29 25.47
CA ASP A 176 2.12 10.30 25.22
C ASP A 176 2.41 10.50 23.73
N LEU A 177 1.80 9.70 22.84
CA LEU A 177 2.13 9.79 21.41
C LEU A 177 1.86 11.19 20.86
N LYS A 178 2.85 11.75 20.16
CA LYS A 178 2.86 13.13 19.70
C LYS A 178 2.95 13.12 18.18
N MET A 179 2.53 14.23 17.56
CA MET A 179 2.71 14.44 16.13
C MET A 179 4.13 14.93 15.87
N GLU A 180 4.95 14.10 15.20
CA GLU A 180 6.24 14.61 14.77
C GLU A 180 6.09 15.67 13.67
N GLY A 181 5.22 15.41 12.70
CA GLY A 181 4.98 16.37 11.65
C GLY A 181 4.43 15.66 10.44
N ILE A 182 3.82 16.44 9.54
CA ILE A 182 3.37 15.93 8.26
C ILE A 182 4.39 16.35 7.22
N LEU A 183 4.89 15.39 6.43
CA LEU A 183 5.84 15.66 5.37
C LEU A 183 5.17 15.53 4.00
N LEU A 184 5.11 16.64 3.27
CA LEU A 184 4.54 16.59 1.92
C LEU A 184 5.56 15.95 0.98
N THR A 185 5.15 14.88 0.29
CA THR A 185 6.08 14.08 -0.52
C THR A 185 5.62 13.94 -1.94
N MET A 186 6.54 13.50 -2.79
CA MET A 186 6.23 13.13 -4.17
C MET A 186 5.51 14.28 -4.87
N PHE A 187 6.03 15.50 -4.65
CA PHE A 187 5.39 16.72 -5.11
C PHE A 187 5.84 17.04 -6.53
N ASP A 188 4.85 17.26 -7.41
CA ASP A 188 5.06 17.57 -8.83
C ASP A 188 4.53 18.98 -9.05
N SER A 189 5.43 19.95 -9.24
CA SER A 189 4.99 21.34 -9.24
C SER A 189 4.15 21.67 -10.45
N ARG A 190 4.24 20.87 -11.49
CA ARG A 190 3.39 21.04 -12.65
C ARG A 190 2.06 20.32 -12.56
N ALA A 191 1.71 19.75 -11.42
CA ALA A 191 0.41 19.11 -11.25
C ALA A 191 -0.50 20.03 -10.46
N ASN A 192 -1.64 20.42 -11.04
CA ASN A 192 -2.52 21.34 -10.32
C ASN A 192 -2.91 20.81 -8.94
N ILE A 193 -3.26 19.53 -8.86
CA ILE A 193 -3.76 19.04 -7.58
C ILE A 193 -2.66 18.99 -6.52
N ALA A 194 -1.42 18.76 -6.94
CA ALA A 194 -0.34 18.76 -5.95
C ALA A 194 -0.33 20.08 -5.20
N HIS A 195 -0.50 21.20 -5.93
CA HIS A 195 -0.50 22.49 -5.22
C HIS A 195 -1.70 22.60 -4.30
N GLN A 196 -2.84 22.03 -4.71
CA GLN A 196 -4.04 22.10 -3.87
C GLN A 196 -3.86 21.27 -2.59
N VAL A 197 -3.21 20.10 -2.70
CA VAL A 197 -2.94 19.33 -1.49
C VAL A 197 -2.06 20.12 -0.54
N VAL A 198 -0.93 20.65 -1.04
CA VAL A 198 -0.05 21.46 -0.19
C VAL A 198 -0.85 22.52 0.54
N GLU A 199 -1.69 23.26 -0.22
CA GLU A 199 -2.39 24.42 0.36
C GLU A 199 -3.37 24.00 1.43
N GLU A 200 -4.15 22.94 1.16
CA GLU A 200 -5.10 22.40 2.14
C GLU A 200 -4.42 21.88 3.40
N VAL A 201 -3.35 21.13 3.23
CA VAL A 201 -2.65 20.55 4.37
C VAL A 201 -2.00 21.63 5.21
N ARG A 202 -1.29 22.58 4.57
CA ARG A 202 -0.71 23.66 5.36
C ARG A 202 -1.79 24.51 6.01
N GLY A 203 -2.93 24.68 5.35
CA GLY A 203 -3.97 25.53 5.91
C GLY A 203 -4.57 24.94 7.17
N TYR A 204 -4.74 23.63 7.20
CA TYR A 204 -5.35 23.00 8.37
C TYR A 204 -4.32 22.74 9.48
N PHE A 205 -3.16 22.19 9.13
CA PHE A 205 -2.21 21.71 10.13
C PHE A 205 -1.08 22.69 10.45
N LYS A 206 -0.88 23.71 9.61
CA LYS A 206 -0.03 24.86 9.95
C LYS A 206 1.37 24.41 10.25
N LYS A 207 1.86 24.64 11.44
CA LYS A 207 3.28 24.42 11.66
C LYS A 207 3.60 22.96 11.93
N GLN A 208 2.57 22.13 11.99
CA GLN A 208 2.81 20.67 12.13
C GLN A 208 3.25 20.14 10.76
N VAL A 209 3.19 20.96 9.73
CA VAL A 209 3.66 20.54 8.39
C VAL A 209 5.10 21.03 8.20
N PHE A 210 5.99 20.13 7.83
CA PHE A 210 7.41 20.50 7.65
C PHE A 210 7.52 21.55 6.53
N GLU A 211 8.49 22.46 6.67
CA GLU A 211 8.69 23.48 5.61
C GLU A 211 9.20 22.77 4.36
N VAL A 212 10.06 21.76 4.55
CA VAL A 212 10.65 21.04 3.39
C VAL A 212 9.57 20.20 2.70
N ILE A 213 9.57 20.24 1.37
CA ILE A 213 8.63 19.40 0.57
C ILE A 213 9.51 18.51 -0.29
N VAL A 214 9.21 17.21 -0.32
CA VAL A 214 10.05 16.27 -1.10
C VAL A 214 9.49 16.25 -2.52
N PRO A 215 10.28 16.64 -3.52
CA PRO A 215 9.79 16.65 -4.86
C PRO A 215 9.90 15.30 -5.56
N ARG A 216 8.99 15.04 -6.48
CA ARG A 216 9.22 13.89 -7.35
C ARG A 216 10.60 14.00 -7.96
N ASN A 217 11.38 12.92 -7.91
CA ASN A 217 12.76 12.96 -8.37
C ASN A 217 13.18 11.56 -8.79
N VAL A 218 13.60 11.40 -10.05
CA VAL A 218 13.81 10.06 -10.60
C VAL A 218 14.90 9.33 -9.83
N ARG A 219 15.96 10.04 -9.43
CA ARG A 219 17.03 9.40 -8.66
C ARG A 219 16.53 8.82 -7.34
N LEU A 220 15.49 9.40 -6.73
CA LEU A 220 15.04 8.82 -5.46
C LEU A 220 14.46 7.46 -5.70
N SER A 221 13.87 7.24 -6.87
CA SER A 221 13.26 5.96 -7.16
C SER A 221 14.28 4.94 -7.64
N GLU A 222 15.47 5.39 -8.04
CA GLU A 222 16.54 4.53 -8.55
C GLU A 222 17.40 3.96 -7.47
N CYS A 223 17.70 4.76 -6.45
CA CYS A 223 18.75 4.35 -5.53
C CYS A 223 18.44 3.05 -4.80
N PRO A 224 17.19 2.68 -4.48
CA PRO A 224 16.99 1.39 -3.78
C PRO A 224 17.44 0.19 -4.61
N SER A 225 17.41 0.30 -5.94
CA SER A 225 17.83 -0.82 -6.76
C SER A 225 19.31 -1.11 -6.58
N PHE A 226 20.06 -0.15 -6.07
CA PHE A 226 21.48 -0.34 -5.74
C PHE A 226 21.71 -0.57 -4.26
N GLY A 227 20.64 -0.68 -3.48
CA GLY A 227 20.84 -0.84 -2.05
C GLY A 227 21.45 0.35 -1.35
N LYS A 228 21.17 1.56 -1.83
CA LYS A 228 21.79 2.76 -1.31
C LYS A 228 20.79 3.86 -1.00
N PRO A 229 20.92 4.51 0.13
CA PRO A 229 20.19 5.74 0.37
C PRO A 229 20.70 6.83 -0.58
N ILE A 230 19.86 7.84 -0.80
CA ILE A 230 20.21 8.81 -1.83
C ILE A 230 21.47 9.59 -1.45
N ILE A 231 21.78 9.74 -0.16
CA ILE A 231 23.04 10.42 0.19
C ILE A 231 24.27 9.63 -0.26
N LEU A 232 24.11 8.34 -0.55
CA LEU A 232 25.26 7.57 -1.03
C LEU A 232 25.15 7.26 -2.51
N TYR A 233 24.13 7.78 -3.18
CA TYR A 233 23.90 7.48 -4.58
C TYR A 233 24.07 8.71 -5.48
N ASP A 234 23.44 9.84 -5.11
CA ASP A 234 23.50 11.09 -5.85
C ASP A 234 23.34 12.23 -4.85
N ILE A 235 24.46 12.63 -4.25
CA ILE A 235 24.40 13.73 -3.30
C ILE A 235 24.03 15.07 -3.97
N LYS A 236 24.05 15.10 -5.28
CA LYS A 236 23.82 16.27 -6.13
C LYS A 236 22.35 16.35 -6.62
N SER A 237 21.52 15.60 -5.96
CA SER A 237 20.11 15.42 -6.29
C SER A 237 19.23 16.27 -5.37
N LYS A 238 18.19 16.91 -5.91
CA LYS A 238 17.34 17.59 -4.96
C LYS A 238 16.63 16.64 -4.02
N GLY A 239 16.48 15.37 -4.38
CA GLY A 239 15.92 14.44 -3.41
C GLY A 239 16.84 14.29 -2.22
N CYS A 240 18.14 14.23 -2.47
CA CYS A 240 19.04 14.17 -1.35
C CYS A 240 18.95 15.43 -0.51
N GLU A 241 18.92 16.60 -1.17
CA GLU A 241 18.83 17.82 -0.39
C GLU A 241 17.56 17.88 0.46
N SER A 242 16.41 17.44 -0.06
CA SER A 242 15.19 17.50 0.74
C SER A 242 15.34 16.73 2.03
N TYR A 243 15.91 15.52 1.95
CA TYR A 243 15.94 14.71 3.16
C TYR A 243 17.03 15.17 4.13
N LEU A 244 18.13 15.73 3.63
CA LEU A 244 19.07 16.39 4.54
C LEU A 244 18.42 17.55 5.26
N ALA A 245 17.61 18.36 4.53
CA ALA A 245 16.93 19.46 5.17
C ALA A 245 15.92 18.95 6.21
N LEU A 246 15.23 17.83 5.91
CA LEU A 246 14.32 17.26 6.89
C LEU A 246 15.07 16.87 8.15
N GLY A 247 16.20 16.21 7.96
CA GLY A 247 17.01 15.83 9.11
C GLY A 247 17.43 17.03 9.94
N ARG A 248 17.83 18.10 9.28
CA ARG A 248 18.16 19.31 10.02
C ARG A 248 16.93 19.85 10.76
N GLU A 249 15.75 19.81 10.10
CA GLU A 249 14.53 20.29 10.76
C GLU A 249 14.27 19.52 12.07
N LEU A 250 14.36 18.18 12.04
CA LEU A 250 14.18 17.41 13.28
C LEU A 250 15.29 17.70 14.27
N MET A 251 16.54 17.61 13.83
CA MET A 251 17.64 17.79 14.76
C MET A 251 17.57 19.13 15.48
N LYS A 252 16.67 20.01 15.07
CA LYS A 252 16.45 21.29 15.73
C LYS A 252 15.44 21.19 16.85
N GLY B 1 -23.66 -19.48 -18.16
CA GLY B 1 -24.22 -18.14 -18.08
C GLY B 1 -23.56 -17.29 -17.01
N VAL B 2 -22.50 -17.83 -16.41
CA VAL B 2 -21.81 -17.19 -15.29
C VAL B 2 -20.71 -16.26 -15.81
N GLY B 3 -20.55 -15.12 -15.16
CA GLY B 3 -19.54 -14.15 -15.55
C GLY B 3 -18.20 -14.48 -14.90
N ARG B 4 -17.24 -13.58 -15.10
CA ARG B 4 -15.85 -13.83 -14.70
C ARG B 4 -15.52 -12.94 -13.51
N ILE B 5 -14.86 -13.50 -12.49
CA ILE B 5 -14.48 -12.75 -11.31
C ILE B 5 -12.98 -12.58 -11.35
N ILE B 6 -12.53 -11.34 -11.35
CA ILE B 6 -11.10 -10.99 -11.49
C ILE B 6 -10.68 -10.14 -10.31
N CYS B 7 -9.63 -10.54 -9.58
CA CYS B 7 -9.18 -9.70 -8.47
C CYS B 7 -7.94 -8.98 -8.93
N ILE B 8 -7.81 -7.71 -8.54
CA ILE B 8 -6.66 -6.87 -8.86
C ILE B 8 -5.77 -6.84 -7.62
N SER B 9 -4.64 -7.54 -7.66
CA SER B 9 -3.84 -7.79 -6.46
C SER B 9 -2.38 -7.41 -6.64
N ASN B 10 -1.82 -6.83 -5.58
CA ASN B 10 -0.37 -6.59 -5.44
C ASN B 10 -0.15 -5.97 -4.07
N GLN B 11 0.58 -6.67 -3.20
CA GLN B 11 0.79 -6.17 -1.84
C GLN B 11 1.69 -4.93 -1.78
N LYS B 12 2.41 -4.59 -2.87
CA LYS B 12 3.15 -3.32 -2.87
C LYS B 12 2.16 -2.16 -2.90
N GLY B 13 2.38 -1.17 -2.03
CA GLY B 13 1.46 -0.03 -2.01
C GLY B 13 1.64 0.90 -3.20
N GLY B 14 0.53 1.39 -3.74
CA GLY B 14 0.66 2.50 -4.69
C GLY B 14 1.15 2.11 -6.07
N VAL B 15 0.73 0.96 -6.60
CA VAL B 15 1.20 0.45 -7.88
C VAL B 15 0.14 0.51 -8.96
N GLY B 16 -1.00 1.11 -8.67
CA GLY B 16 -2.05 1.21 -9.68
C GLY B 16 -3.14 0.15 -9.59
N LYS B 17 -3.30 -0.54 -8.44
CA LYS B 17 -4.43 -1.46 -8.29
C LYS B 17 -5.79 -0.77 -8.51
N THR B 18 -6.02 0.32 -7.77
CA THR B 18 -7.32 0.96 -7.78
C THR B 18 -7.54 1.69 -9.08
N THR B 19 -6.52 2.41 -9.57
CA THR B 19 -6.62 3.03 -10.90
C THR B 19 -7.02 2.00 -11.95
N THR B 20 -6.40 0.80 -11.85
CA THR B 20 -6.73 -0.29 -12.78
C THR B 20 -8.12 -0.83 -12.54
N ALA B 21 -8.48 -1.10 -11.28
CA ALA B 21 -9.82 -1.64 -11.01
C ALA B 21 -10.91 -0.73 -11.53
N ILE B 22 -10.81 0.56 -11.19
CA ILE B 22 -11.83 1.52 -11.62
C ILE B 22 -11.88 1.62 -13.15
N ASN B 23 -10.72 1.82 -13.80
CA ASN B 23 -10.75 2.13 -15.22
C ASN B 23 -10.96 0.90 -16.06
N LEU B 24 -10.53 -0.27 -15.61
CA LEU B 24 -10.97 -1.49 -16.29
C LEU B 24 -12.49 -1.69 -16.16
N ALA B 25 -13.02 -1.58 -14.95
CA ALA B 25 -14.46 -1.79 -14.73
C ALA B 25 -15.27 -0.84 -15.59
N ALA B 26 -14.89 0.45 -15.61
CA ALA B 26 -15.62 1.44 -16.40
C ALA B 26 -15.53 1.15 -17.90
N SER B 27 -14.37 0.67 -18.36
CA SER B 27 -14.20 0.31 -19.77
C SER B 27 -15.14 -0.82 -20.17
N LEU B 28 -15.20 -1.87 -19.37
CA LEU B 28 -16.12 -2.98 -19.58
C LEU B 28 -17.57 -2.48 -19.57
N ALA B 29 -17.92 -1.66 -18.56
CA ALA B 29 -19.30 -1.17 -18.46
C ALA B 29 -19.65 -0.30 -19.64
N SER B 30 -18.69 0.48 -20.17
CA SER B 30 -18.93 1.31 -21.37
C SER B 30 -19.20 0.49 -22.61
N ALA B 31 -18.72 -0.74 -22.64
CA ALA B 31 -19.08 -1.69 -23.70
C ALA B 31 -20.30 -2.52 -23.37
N GLU B 32 -21.12 -2.09 -22.42
CA GLU B 32 -22.38 -2.77 -22.06
C GLU B 32 -22.13 -4.20 -21.59
N ARG B 33 -21.01 -4.41 -20.89
CA ARG B 33 -20.83 -5.60 -20.08
C ARG B 33 -21.27 -5.27 -18.68
N ARG B 34 -22.20 -6.04 -18.12
CA ARG B 34 -22.62 -5.78 -16.75
C ARG B 34 -21.44 -6.04 -15.82
N THR B 35 -21.04 -5.01 -15.08
CA THR B 35 -19.81 -5.06 -14.29
C THR B 35 -20.07 -4.65 -12.87
N LEU B 36 -19.55 -5.42 -11.92
CA LEU B 36 -19.62 -5.09 -10.51
C LEU B 36 -18.21 -4.86 -10.02
N LEU B 37 -17.97 -3.75 -9.35
CA LEU B 37 -16.68 -3.45 -8.72
C LEU B 37 -16.83 -3.56 -7.22
N VAL B 38 -16.08 -4.48 -6.60
CA VAL B 38 -16.15 -4.75 -5.16
C VAL B 38 -14.85 -4.20 -4.59
N ASP B 39 -14.98 -3.30 -3.62
CA ASP B 39 -13.83 -2.69 -2.96
C ASP B 39 -13.52 -3.47 -1.68
N MET B 40 -12.41 -4.21 -1.67
CA MET B 40 -12.02 -4.96 -0.48
C MET B 40 -10.91 -4.27 0.33
N ALA B 41 -10.56 -3.05 0.00
CA ALA B 41 -9.50 -2.34 0.71
C ALA B 41 -10.13 -1.45 1.79
N PRO B 42 -9.62 -1.46 3.02
CA PRO B 42 -10.18 -0.57 4.03
C PRO B 42 -10.08 0.89 3.66
N GLN B 43 -9.10 1.25 2.79
CA GLN B 43 -8.97 2.65 2.36
C GLN B 43 -10.14 3.11 1.51
N GLY B 44 -10.84 2.20 0.83
CA GLY B 44 -12.06 2.49 0.05
C GLY B 44 -11.82 3.41 -1.13
N ASN B 45 -10.63 3.33 -1.75
CA ASN B 45 -10.37 4.23 -2.86
C ASN B 45 -11.15 3.87 -4.11
N ALA B 46 -11.51 2.59 -4.35
CA ALA B 46 -12.26 2.27 -5.58
C ALA B 46 -13.65 2.93 -5.54
N GLY B 47 -14.31 2.87 -4.38
CA GLY B 47 -15.56 3.57 -4.23
C GLY B 47 -15.42 5.08 -4.30
N SER B 48 -14.41 5.63 -3.62
CA SER B 48 -14.24 7.08 -3.59
C SER B 48 -13.96 7.63 -4.99
N GLY B 49 -13.15 6.93 -5.77
CA GLY B 49 -12.82 7.37 -7.11
C GLY B 49 -14.00 7.32 -8.06
N LEU B 50 -15.11 6.71 -7.63
CA LEU B 50 -16.36 6.75 -8.38
C LEU B 50 -17.44 7.55 -7.64
N GLY B 51 -17.06 8.41 -6.70
CA GLY B 51 -18.02 9.24 -6.02
C GLY B 51 -18.83 8.58 -4.91
N ILE B 52 -18.39 7.42 -4.41
CA ILE B 52 -19.11 6.64 -3.40
C ILE B 52 -18.28 6.56 -2.13
N LYS B 53 -18.85 7.02 -1.02
CA LYS B 53 -18.21 6.71 0.26
C LYS B 53 -19.29 6.64 1.32
N GLN B 54 -19.22 5.63 2.19
CA GLN B 54 -20.28 5.44 3.18
C GLN B 54 -19.83 5.91 4.55
N ASP B 55 -20.79 6.40 5.34
CA ASP B 55 -20.45 6.99 6.64
C ASP B 55 -20.11 5.92 7.68
N ASN B 56 -20.64 4.71 7.54
CA ASN B 56 -20.35 3.64 8.49
C ASN B 56 -20.42 2.33 7.71
N ILE B 57 -20.62 1.21 8.42
CA ILE B 57 -20.56 -0.07 7.75
C ILE B 57 -21.79 -0.34 6.90
N THR B 58 -22.89 0.38 7.13
CA THR B 58 -24.12 0.09 6.40
C THR B 58 -23.97 0.36 4.91
N GLY B 59 -24.34 -0.63 4.13
CA GLY B 59 -24.24 -0.51 2.71
C GLY B 59 -22.90 -0.91 2.17
N THR B 60 -22.00 -1.46 3.00
CA THR B 60 -20.65 -1.82 2.53
C THR B 60 -20.40 -3.33 2.56
N ILE B 61 -19.29 -3.72 1.93
CA ILE B 61 -18.96 -5.15 1.83
C ILE B 61 -18.80 -5.78 3.20
N TYR B 62 -18.41 -4.99 4.22
CA TYR B 62 -18.31 -5.52 5.58
C TYR B 62 -19.55 -6.34 5.96
N GLU B 63 -20.73 -5.83 5.62
CA GLU B 63 -21.98 -6.50 6.04
C GLU B 63 -22.15 -7.87 5.39
N ALA B 64 -21.65 -8.04 4.17
CA ALA B 64 -21.67 -9.35 3.55
C ALA B 64 -20.59 -10.27 4.11
N LEU B 65 -19.42 -9.75 4.50
CA LEU B 65 -18.34 -10.63 4.94
C LEU B 65 -18.57 -11.17 6.35
N LEU B 66 -19.11 -10.36 7.25
CA LEU B 66 -19.27 -10.70 8.66
C LEU B 66 -20.71 -10.82 9.14
N ASN B 67 -21.68 -10.12 8.50
CA ASN B 67 -23.04 -10.05 9.03
C ASN B 67 -24.07 -10.80 8.17
N ASP B 68 -23.63 -11.64 7.24
CA ASP B 68 -24.55 -12.46 6.43
C ASP B 68 -25.54 -11.63 5.62
N ARG B 69 -25.18 -10.39 5.25
CA ARG B 69 -26.15 -9.61 4.48
C ARG B 69 -25.99 -9.91 2.99
N PRO B 70 -27.07 -10.15 2.24
CA PRO B 70 -26.92 -10.49 0.83
C PRO B 70 -26.25 -9.36 0.08
N ILE B 71 -25.33 -9.72 -0.81
CA ILE B 71 -24.62 -8.65 -1.51
C ILE B 71 -25.56 -7.90 -2.44
N GLN B 72 -26.71 -8.51 -2.81
CA GLN B 72 -27.69 -7.82 -3.63
C GLN B 72 -28.15 -6.53 -2.97
N GLU B 73 -28.09 -6.46 -1.64
CA GLU B 73 -28.56 -5.29 -0.93
C GLU B 73 -27.52 -4.21 -0.86
N LEU B 74 -26.32 -4.48 -1.35
CA LEU B 74 -25.20 -3.57 -1.18
C LEU B 74 -24.75 -2.93 -2.50
N LEU B 75 -25.53 -3.04 -3.58
CA LEU B 75 -25.12 -2.51 -4.88
C LEU B 75 -25.38 -1.01 -4.97
N HIS B 76 -24.35 -0.25 -5.33
CA HIS B 76 -24.45 1.20 -5.47
C HIS B 76 -24.35 1.60 -6.93
N PRO B 77 -25.22 2.49 -7.39
CA PRO B 77 -25.15 2.95 -8.79
C PRO B 77 -23.97 3.89 -9.03
N THR B 78 -23.57 3.98 -10.29
CA THR B 78 -22.52 4.93 -10.66
C THR B 78 -23.02 5.77 -11.84
N GLU B 79 -22.14 6.58 -12.43
CA GLU B 79 -22.49 7.33 -13.64
C GLU B 79 -22.62 6.45 -14.88
N LEU B 80 -22.31 5.16 -14.79
CA LEU B 80 -22.44 4.22 -15.90
C LEU B 80 -23.49 3.18 -15.54
N ARG B 81 -24.52 3.06 -16.38
CA ARG B 81 -25.61 2.14 -16.06
C ARG B 81 -25.14 0.71 -15.87
N TYR B 82 -24.10 0.29 -16.60
CA TYR B 82 -23.65 -1.09 -16.51
C TYR B 82 -22.56 -1.30 -15.45
N LEU B 83 -22.25 -0.29 -14.64
CA LEU B 83 -21.29 -0.43 -13.54
C LEU B 83 -21.93 -0.15 -12.18
N GLN B 84 -21.92 -1.15 -11.28
CA GLN B 84 -22.32 -0.91 -9.88
C GLN B 84 -21.11 -1.15 -9.01
N VAL B 85 -21.15 -0.63 -7.77
CA VAL B 85 -20.04 -0.73 -6.82
C VAL B 85 -20.55 -1.30 -5.49
N VAL B 86 -19.79 -2.22 -4.88
CA VAL B 86 -19.99 -2.51 -3.48
C VAL B 86 -18.82 -1.87 -2.71
N PRO B 87 -19.06 -0.84 -1.91
CA PRO B 87 -17.96 -0.06 -1.35
C PRO B 87 -17.42 -0.69 -0.08
N ALA B 88 -16.25 -0.15 0.33
CA ALA B 88 -15.56 -0.58 1.52
C ALA B 88 -15.88 0.32 2.70
N THR B 89 -15.24 0.03 3.82
CA THR B 89 -15.24 0.82 5.05
C THR B 89 -13.87 0.69 5.69
N PRO B 90 -13.41 1.71 6.44
CA PRO B 90 -12.21 1.50 7.25
C PRO B 90 -12.36 0.41 8.28
N ASP B 91 -13.60 0.05 8.66
CA ASP B 91 -13.83 -1.06 9.58
C ASP B 91 -13.44 -2.40 8.98
N LEU B 92 -13.09 -2.44 7.68
CA LEU B 92 -12.53 -3.69 7.19
C LEU B 92 -11.21 -4.06 7.87
N THR B 93 -10.47 -3.08 8.42
CA THR B 93 -9.30 -3.45 9.21
C THR B 93 -9.67 -4.36 10.39
N GLY B 94 -10.66 -3.93 11.18
CA GLY B 94 -11.21 -4.78 12.22
C GLY B 94 -11.81 -6.10 11.70
N ALA B 95 -12.46 -6.06 10.55
CA ALA B 95 -13.03 -7.30 10.03
C ALA B 95 -11.96 -8.37 9.84
N GLU B 96 -10.79 -7.97 9.36
CA GLU B 96 -9.74 -8.94 9.09
C GLU B 96 -9.29 -9.62 10.39
N VAL B 97 -9.29 -8.86 11.49
CA VAL B 97 -8.96 -9.44 12.78
C VAL B 97 -10.09 -10.35 13.28
N GLU B 98 -11.33 -9.90 13.14
CA GLU B 98 -12.45 -10.74 13.54
C GLU B 98 -12.49 -12.05 12.75
N LEU B 99 -12.13 -12.00 11.47
CA LEU B 99 -12.21 -13.23 10.67
C LEU B 99 -11.21 -14.29 11.10
N VAL B 100 -10.11 -13.92 11.75
CA VAL B 100 -9.06 -14.92 12.11
C VAL B 100 -9.68 -16.00 13.00
N ASN B 101 -10.64 -15.63 13.84
CA ASN B 101 -11.23 -16.59 14.82
C ASN B 101 -12.63 -17.03 14.36
N GLN B 102 -12.87 -17.05 13.07
CA GLN B 102 -14.18 -17.48 12.53
C GLN B 102 -13.99 -18.63 11.54
N ASP B 103 -15.05 -19.38 11.29
CA ASP B 103 -14.98 -20.52 10.36
C ASP B 103 -15.08 -20.04 8.91
N ASN B 104 -14.56 -20.81 7.95
CA ASN B 104 -14.72 -20.47 6.52
C ASN B 104 -14.13 -19.07 6.31
N ARG B 105 -13.07 -18.72 7.03
CA ARG B 105 -12.58 -17.32 7.03
C ARG B 105 -12.14 -16.83 5.65
N GLU B 106 -11.60 -17.71 4.82
CA GLU B 106 -11.10 -17.28 3.52
C GLU B 106 -12.18 -17.26 2.44
N PHE B 107 -13.37 -17.79 2.72
CA PHE B 107 -14.39 -17.97 1.69
C PHE B 107 -15.60 -17.08 1.91
N ARG B 108 -15.52 -16.09 2.80
CA ARG B 108 -16.67 -15.21 3.00
C ARG B 108 -17.04 -14.46 1.72
N LEU B 109 -16.03 -13.94 1.00
CA LEU B 109 -16.38 -13.22 -0.21
C LEU B 109 -16.86 -14.19 -1.29
N ARG B 110 -16.18 -15.33 -1.42
CA ARG B 110 -16.60 -16.30 -2.42
C ARG B 110 -18.06 -16.68 -2.25
N ASP B 111 -18.44 -16.97 -1.00
CA ASP B 111 -19.83 -17.41 -0.75
C ASP B 111 -20.82 -16.27 -0.99
N ALA B 112 -20.46 -15.04 -0.61
CA ALA B 112 -21.35 -13.91 -0.78
C ALA B 112 -21.55 -13.53 -2.25
N LEU B 113 -20.58 -13.82 -3.11
CA LEU B 113 -20.76 -13.47 -4.51
C LEU B 113 -21.62 -14.51 -5.26
N ARG B 114 -21.87 -15.68 -4.65
CA ARG B 114 -22.65 -16.70 -5.37
C ARG B 114 -23.99 -16.21 -5.92
N PRO B 115 -24.81 -15.44 -5.19
CA PRO B 115 -26.14 -15.04 -5.72
C PRO B 115 -26.08 -14.12 -6.92
N LEU B 116 -24.90 -13.60 -7.28
CA LEU B 116 -24.69 -12.67 -8.37
C LEU B 116 -23.90 -13.25 -9.53
N ALA B 117 -23.49 -14.50 -9.45
CA ALA B 117 -22.47 -14.96 -10.40
C ALA B 117 -22.98 -14.88 -11.83
N ALA B 118 -24.27 -15.15 -12.03
CA ALA B 118 -24.85 -15.15 -13.36
C ALA B 118 -25.62 -13.88 -13.65
N GLU B 119 -25.56 -12.87 -12.77
CA GLU B 119 -26.16 -11.57 -13.05
C GLU B 119 -25.18 -10.53 -13.58
N TYR B 120 -23.88 -10.81 -13.53
CA TYR B 120 -22.86 -9.89 -14.01
C TYR B 120 -21.98 -10.61 -15.01
N ASP B 121 -21.49 -9.85 -16.01
CA ASP B 121 -20.50 -10.37 -16.96
C ASP B 121 -19.10 -10.37 -16.34
N TYR B 122 -18.80 -9.32 -15.56
CA TYR B 122 -17.51 -9.21 -14.85
C TYR B 122 -17.75 -8.76 -13.42
N ILE B 123 -16.97 -9.31 -12.50
CA ILE B 123 -16.90 -8.82 -11.13
C ILE B 123 -15.44 -8.53 -10.89
N ILE B 124 -15.12 -7.26 -10.64
CA ILE B 124 -13.73 -6.86 -10.47
C ILE B 124 -13.52 -6.57 -8.99
N ILE B 125 -12.50 -7.18 -8.35
CA ILE B 125 -12.30 -7.00 -6.89
C ILE B 125 -11.02 -6.21 -6.68
N ASP B 126 -11.15 -5.01 -6.08
CA ASP B 126 -9.98 -4.20 -5.77
C ASP B 126 -9.43 -4.64 -4.41
N CYS B 127 -8.09 -5.01 -4.34
CA CYS B 127 -7.45 -5.50 -3.14
C CYS B 127 -6.62 -4.41 -2.46
N PRO B 128 -6.51 -4.48 -1.14
CA PRO B 128 -5.59 -3.60 -0.42
C PRO B 128 -4.16 -4.05 -0.64
N PRO B 129 -3.21 -3.20 -0.32
CA PRO B 129 -1.77 -3.58 -0.40
C PRO B 129 -1.36 -4.47 0.78
N SER B 130 -1.72 -5.74 0.66
CA SER B 130 -1.43 -6.70 1.72
C SER B 130 -1.78 -8.09 1.19
N LEU B 131 -1.26 -9.11 1.87
CA LEU B 131 -1.57 -10.51 1.61
C LEU B 131 -2.31 -11.12 2.78
N GLY B 132 -3.01 -10.29 3.57
CA GLY B 132 -3.84 -10.75 4.66
C GLY B 132 -5.20 -11.29 4.21
N LEU B 133 -6.11 -11.44 5.19
CA LEU B 133 -7.32 -12.16 4.89
C LEU B 133 -8.24 -11.44 3.92
N LEU B 134 -8.21 -10.10 3.85
CA LEU B 134 -9.04 -9.43 2.84
C LEU B 134 -8.58 -9.82 1.43
N THR B 135 -7.28 -9.69 1.17
CA THR B 135 -6.74 -10.12 -0.14
C THR B 135 -6.91 -11.62 -0.36
N LEU B 136 -6.77 -12.44 0.69
CA LEU B 136 -6.95 -13.86 0.49
C LEU B 136 -8.42 -14.20 0.17
N ASN B 137 -9.38 -13.48 0.78
CA ASN B 137 -10.77 -13.67 0.37
C ASN B 137 -10.96 -13.33 -1.10
N ALA B 138 -10.32 -12.27 -1.59
CA ALA B 138 -10.41 -11.92 -3.01
C ALA B 138 -9.85 -13.03 -3.89
N LEU B 139 -8.65 -13.51 -3.55
CA LEU B 139 -8.00 -14.54 -4.37
C LEU B 139 -8.79 -15.85 -4.32
N ALA B 140 -9.39 -16.17 -3.17
CA ALA B 140 -10.19 -17.39 -3.03
C ALA B 140 -11.51 -17.32 -3.76
N ALA B 141 -12.03 -16.10 -4.01
CA ALA B 141 -13.27 -15.91 -4.77
C ALA B 141 -13.07 -15.84 -6.28
N ALA B 142 -11.88 -15.46 -6.76
CA ALA B 142 -11.69 -15.06 -8.12
C ALA B 142 -11.52 -16.26 -9.04
N ASP B 143 -11.98 -16.09 -10.27
CA ASP B 143 -11.54 -16.98 -11.34
C ASP B 143 -10.11 -16.68 -11.75
N SER B 144 -9.70 -15.42 -11.68
CA SER B 144 -8.36 -15.06 -12.12
C SER B 144 -7.86 -13.84 -11.37
N VAL B 145 -6.55 -13.66 -11.40
CA VAL B 145 -5.89 -12.54 -10.73
C VAL B 145 -5.14 -11.74 -11.76
N LEU B 146 -5.32 -10.43 -11.72
CA LEU B 146 -4.63 -9.51 -12.60
C LEU B 146 -3.68 -8.73 -11.70
N ILE B 147 -2.39 -8.74 -12.03
CA ILE B 147 -1.35 -8.11 -11.22
C ILE B 147 -0.93 -6.82 -11.88
N PRO B 148 -1.28 -5.65 -11.35
CA PRO B 148 -0.66 -4.40 -11.83
C PRO B 148 0.73 -4.34 -11.26
N LEU B 149 1.72 -4.10 -12.13
CA LEU B 149 3.14 -4.08 -11.68
C LEU B 149 3.71 -2.74 -12.05
N GLN B 150 3.87 -1.88 -11.05
CA GLN B 150 4.53 -0.61 -11.28
C GLN B 150 5.96 -0.82 -11.78
N CYS B 151 6.33 -0.04 -12.80
CA CYS B 151 7.64 -0.19 -13.45
C CYS B 151 8.73 0.55 -12.65
N GLU B 152 8.87 0.16 -11.38
CA GLU B 152 9.90 0.66 -10.48
C GLU B 152 10.42 -0.50 -9.66
N TYR B 153 11.52 -0.25 -8.94
CA TYR B 153 12.29 -1.31 -8.32
C TYR B 153 11.52 -2.07 -7.25
N TYR B 154 10.99 -1.36 -6.23
CA TYR B 154 10.39 -2.12 -5.12
C TYR B 154 9.24 -3.01 -5.62
N ALA B 155 8.42 -2.49 -6.55
CA ALA B 155 7.35 -3.35 -7.08
C ALA B 155 7.93 -4.60 -7.72
N LEU B 156 8.98 -4.45 -8.55
CA LEU B 156 9.61 -5.60 -9.19
C LEU B 156 10.12 -6.58 -8.13
N GLU B 157 10.71 -6.06 -7.08
CA GLU B 157 11.29 -6.92 -6.06
C GLU B 157 10.22 -7.76 -5.37
N GLY B 158 9.02 -7.22 -5.20
CA GLY B 158 7.94 -7.92 -4.53
C GLY B 158 7.15 -8.90 -5.39
N LEU B 159 7.44 -8.97 -6.68
CA LEU B 159 6.61 -9.79 -7.57
C LEU B 159 6.74 -11.28 -7.21
N SER B 160 7.95 -11.74 -6.87
CA SER B 160 8.11 -13.17 -6.55
C SER B 160 7.28 -13.59 -5.34
N GLN B 161 7.22 -12.75 -4.32
CA GLN B 161 6.41 -13.07 -3.14
C GLN B 161 4.93 -13.10 -3.49
N LEU B 162 4.48 -12.20 -4.36
CA LEU B 162 3.11 -12.26 -4.83
C LEU B 162 2.83 -13.55 -5.61
N THR B 163 3.70 -13.91 -6.57
CA THR B 163 3.40 -15.13 -7.31
C THR B 163 3.54 -16.37 -6.43
N HIS B 164 4.42 -16.33 -5.43
CA HIS B 164 4.50 -17.46 -4.51
C HIS B 164 3.20 -17.61 -3.72
N THR B 165 2.60 -16.48 -3.31
CA THR B 165 1.35 -16.55 -2.57
C THR B 165 0.23 -17.04 -3.48
N ILE B 166 0.25 -16.64 -4.76
CA ILE B 166 -0.75 -17.17 -5.68
C ILE B 166 -0.57 -18.68 -5.84
N ASP B 167 0.70 -19.15 -5.91
CA ASP B 167 0.90 -20.60 -5.99
C ASP B 167 0.39 -21.29 -4.73
N LEU B 168 0.65 -20.73 -3.56
CA LEU B 168 0.12 -21.33 -2.35
C LEU B 168 -1.41 -21.39 -2.41
N VAL B 169 -2.05 -20.34 -2.94
CA VAL B 169 -3.52 -20.33 -3.05
C VAL B 169 -4.00 -21.46 -3.95
N LYS B 170 -3.31 -21.68 -5.05
CA LYS B 170 -3.66 -22.77 -5.95
C LYS B 170 -3.40 -24.15 -5.37
N GLN B 171 -2.63 -24.26 -4.28
CA GLN B 171 -2.40 -25.55 -3.64
C GLN B 171 -3.51 -25.96 -2.67
N GLY B 172 -4.50 -25.10 -2.43
CA GLY B 172 -5.56 -25.47 -1.52
C GLY B 172 -6.77 -24.56 -1.60
N LEU B 173 -6.58 -23.27 -1.31
CA LEU B 173 -7.73 -22.40 -1.15
C LEU B 173 -8.52 -22.28 -2.45
N ASN B 174 -7.83 -22.25 -3.58
CA ASN B 174 -8.52 -22.00 -4.84
C ASN B 174 -7.68 -22.57 -5.99
N PRO B 175 -7.69 -23.90 -6.16
CA PRO B 175 -6.85 -24.52 -7.18
C PRO B 175 -7.09 -24.02 -8.61
N ASP B 176 -8.30 -23.56 -8.91
CA ASP B 176 -8.64 -23.16 -10.31
C ASP B 176 -8.16 -21.74 -10.61
N LEU B 177 -7.65 -21.03 -9.60
CA LEU B 177 -7.25 -19.62 -9.82
C LEU B 177 -6.25 -19.56 -10.97
N LYS B 178 -6.51 -18.68 -11.93
CA LYS B 178 -5.61 -18.53 -13.10
C LYS B 178 -4.98 -17.15 -13.09
N MET B 179 -3.84 -17.03 -13.75
CA MET B 179 -3.21 -15.71 -13.92
C MET B 179 -3.93 -15.03 -15.08
N GLU B 180 -4.66 -13.95 -14.83
CA GLU B 180 -5.27 -13.21 -15.97
C GLU B 180 -4.10 -12.60 -16.73
N GLY B 181 -3.17 -12.00 -16.00
CA GLY B 181 -1.98 -11.45 -16.63
C GLY B 181 -1.29 -10.42 -15.78
N ILE B 182 -0.08 -10.05 -16.16
CA ILE B 182 0.64 -8.97 -15.45
C ILE B 182 0.49 -7.71 -16.31
N LEU B 183 0.01 -6.64 -15.70
CA LEU B 183 -0.20 -5.36 -16.41
C LEU B 183 0.90 -4.42 -15.96
N LEU B 184 1.81 -4.04 -16.88
CA LEU B 184 2.83 -3.07 -16.52
C LEU B 184 2.20 -1.69 -16.39
N THR B 185 2.42 -1.02 -15.24
CA THR B 185 1.73 0.22 -14.94
C THR B 185 2.73 1.32 -14.59
N MET B 186 2.24 2.56 -14.67
CA MET B 186 2.98 3.73 -14.23
C MET B 186 4.35 3.76 -14.90
N PHE B 187 4.37 3.45 -16.21
CA PHE B 187 5.60 3.33 -16.96
C PHE B 187 6.06 4.72 -17.37
N ASP B 188 7.35 5.00 -17.21
CA ASP B 188 7.94 6.28 -17.64
C ASP B 188 9.21 6.00 -18.46
N SER B 189 9.19 6.32 -19.74
CA SER B 189 10.31 5.98 -20.62
C SER B 189 11.57 6.70 -20.22
N ARG B 190 11.48 7.75 -19.40
CA ARG B 190 12.69 8.45 -19.00
C ARG B 190 13.46 7.71 -17.93
N ALA B 191 12.84 6.76 -17.25
CA ALA B 191 13.45 6.07 -16.12
C ALA B 191 14.10 4.77 -16.61
N ASN B 192 15.41 4.65 -16.44
CA ASN B 192 16.03 3.47 -17.03
C ASN B 192 15.61 2.17 -16.30
N ILE B 193 15.22 2.25 -15.03
CA ILE B 193 14.71 1.05 -14.38
C ILE B 193 13.36 0.64 -14.97
N ALA B 194 12.57 1.59 -15.42
CA ALA B 194 11.30 1.18 -16.05
C ALA B 194 11.55 0.24 -17.23
N HIS B 195 12.56 0.54 -18.07
CA HIS B 195 12.84 -0.35 -19.20
C HIS B 195 13.33 -1.71 -18.75
N GLN B 196 14.13 -1.75 -17.69
CA GLN B 196 14.60 -3.02 -17.14
C GLN B 196 13.45 -3.86 -16.58
N VAL B 197 12.50 -3.23 -15.90
CA VAL B 197 11.36 -3.99 -15.41
C VAL B 197 10.63 -4.62 -16.58
N VAL B 198 10.36 -3.83 -17.64
CA VAL B 198 9.61 -4.37 -18.77
C VAL B 198 10.34 -5.56 -19.37
N GLU B 199 11.66 -5.42 -19.59
CA GLU B 199 12.43 -6.50 -20.22
C GLU B 199 12.46 -7.76 -19.35
N GLU B 200 12.72 -7.59 -18.06
CA GLU B 200 12.83 -8.76 -17.20
C GLU B 200 11.51 -9.49 -17.08
N VAL B 201 10.41 -8.74 -16.91
CA VAL B 201 9.11 -9.34 -16.68
C VAL B 201 8.59 -10.00 -17.96
N ARG B 202 8.73 -9.30 -19.10
CA ARG B 202 8.38 -9.94 -20.36
C ARG B 202 9.27 -11.14 -20.64
N GLY B 203 10.56 -11.03 -20.30
CA GLY B 203 11.48 -12.13 -20.56
C GLY B 203 11.10 -13.37 -19.80
N TYR B 204 10.62 -13.22 -18.57
CA TYR B 204 10.32 -14.39 -17.76
C TYR B 204 8.86 -14.84 -17.90
N PHE B 205 7.90 -13.91 -17.87
CA PHE B 205 6.50 -14.31 -17.89
C PHE B 205 5.88 -14.34 -19.28
N LYS B 206 6.55 -13.74 -20.29
CA LYS B 206 6.18 -13.82 -21.69
C LYS B 206 4.71 -13.48 -21.97
N LYS B 207 3.92 -14.43 -22.47
CA LYS B 207 2.54 -14.09 -22.83
C LYS B 207 1.63 -13.90 -21.63
N GLN B 208 2.10 -14.19 -20.42
CA GLN B 208 1.35 -13.80 -19.25
C GLN B 208 1.41 -12.29 -19.01
N VAL B 209 2.21 -11.54 -19.76
CA VAL B 209 2.27 -10.08 -19.60
C VAL B 209 1.40 -9.45 -20.66
N PHE B 210 0.53 -8.54 -20.27
CA PHE B 210 -0.29 -7.87 -21.26
C PHE B 210 0.57 -7.09 -22.24
N GLU B 211 0.08 -7.03 -23.48
CA GLU B 211 0.77 -6.27 -24.50
C GLU B 211 0.70 -4.77 -24.18
N VAL B 212 -0.46 -4.28 -23.74
CA VAL B 212 -0.65 -2.87 -23.42
C VAL B 212 0.08 -2.54 -22.13
N ILE B 213 0.75 -1.38 -22.11
CA ILE B 213 1.40 -0.85 -20.93
C ILE B 213 0.66 0.43 -20.56
N VAL B 214 0.43 0.65 -19.27
CA VAL B 214 -0.23 1.86 -18.80
C VAL B 214 0.86 2.91 -18.54
N PRO B 215 0.85 4.03 -19.23
CA PRO B 215 1.89 5.05 -18.97
C PRO B 215 1.58 5.88 -17.75
N ARG B 216 2.61 6.36 -17.09
CA ARG B 216 2.41 7.48 -16.20
C ARG B 216 1.75 8.60 -16.96
N ASN B 217 0.63 9.10 -16.42
CA ASN B 217 -0.12 10.16 -17.09
C ASN B 217 -0.89 10.93 -16.04
N VAL B 218 -0.64 12.23 -15.94
CA VAL B 218 -1.20 12.94 -14.79
C VAL B 218 -2.73 12.88 -14.79
N ARG B 219 -3.36 12.75 -15.98
CA ARG B 219 -4.82 12.70 -16.00
C ARG B 219 -5.36 11.54 -15.19
N LEU B 220 -4.59 10.44 -15.05
CA LEU B 220 -5.11 9.28 -14.31
C LEU B 220 -5.17 9.59 -12.83
N SER B 221 -4.31 10.47 -12.35
CA SER B 221 -4.31 10.79 -10.92
C SER B 221 -5.30 11.89 -10.60
N GLU B 222 -5.74 12.63 -11.63
CA GLU B 222 -6.70 13.71 -11.45
C GLU B 222 -8.14 13.22 -11.39
N CYS B 223 -8.52 12.25 -12.21
CA CYS B 223 -9.95 11.96 -12.32
C CYS B 223 -10.60 11.44 -11.03
N PRO B 224 -9.94 10.70 -10.13
CA PRO B 224 -10.63 10.31 -8.89
C PRO B 224 -10.99 11.50 -8.06
N SER B 225 -10.22 12.61 -8.15
CA SER B 225 -10.61 13.76 -7.34
C SER B 225 -11.96 14.33 -7.80
N PHE B 226 -12.38 14.00 -9.01
CA PHE B 226 -13.71 14.38 -9.51
C PHE B 226 -14.70 13.24 -9.42
N GLY B 227 -14.30 12.13 -8.79
CA GLY B 227 -15.18 10.96 -8.73
C GLY B 227 -15.51 10.37 -10.07
N LYS B 228 -14.60 10.47 -11.04
CA LYS B 228 -14.82 9.98 -12.39
C LYS B 228 -13.76 9.00 -12.86
N PRO B 229 -14.15 7.91 -13.53
CA PRO B 229 -13.17 7.12 -14.26
C PRO B 229 -12.64 7.94 -15.43
N ILE B 230 -11.46 7.54 -15.93
CA ILE B 230 -10.78 8.35 -16.95
C ILE B 230 -11.63 8.42 -18.22
N ILE B 231 -12.45 7.41 -18.50
CA ILE B 231 -13.28 7.47 -19.73
C ILE B 231 -14.33 8.57 -19.65
N LEU B 232 -14.68 9.07 -18.47
CA LEU B 232 -15.64 10.15 -18.27
C LEU B 232 -14.98 11.46 -17.86
N TYR B 233 -13.65 11.47 -17.80
CA TYR B 233 -12.89 12.66 -17.47
C TYR B 233 -12.07 13.17 -18.66
N ASP B 234 -11.37 12.28 -19.38
CA ASP B 234 -10.50 12.71 -20.47
C ASP B 234 -10.30 11.53 -21.40
N ILE B 235 -11.30 11.30 -22.27
CA ILE B 235 -11.34 10.05 -22.99
C ILE B 235 -10.25 9.96 -24.05
N LYS B 236 -9.74 11.11 -24.50
CA LYS B 236 -8.63 11.21 -25.45
C LYS B 236 -7.28 10.81 -24.87
N SER B 237 -7.15 10.77 -23.55
CA SER B 237 -5.81 10.72 -22.95
C SER B 237 -5.20 9.35 -23.15
N LYS B 238 -3.87 9.28 -23.11
CA LYS B 238 -3.27 7.99 -23.39
C LYS B 238 -3.63 6.99 -22.29
N GLY B 239 -3.83 7.46 -21.06
CA GLY B 239 -4.19 6.56 -19.99
C GLY B 239 -5.55 5.94 -20.24
N CYS B 240 -6.45 6.69 -20.86
CA CYS B 240 -7.76 6.12 -21.07
C CYS B 240 -7.67 5.13 -22.24
N GLU B 241 -6.91 5.50 -23.28
CA GLU B 241 -6.58 4.56 -24.34
C GLU B 241 -6.02 3.23 -23.83
N SER B 242 -5.10 3.27 -22.83
CA SER B 242 -4.50 2.05 -22.32
C SER B 242 -5.55 1.16 -21.67
N TYR B 243 -6.45 1.77 -20.92
CA TYR B 243 -7.41 0.93 -20.20
C TYR B 243 -8.52 0.42 -21.13
N LEU B 244 -8.86 1.17 -22.19
CA LEU B 244 -9.80 0.64 -23.20
C LEU B 244 -9.18 -0.57 -23.89
N ALA B 245 -7.87 -0.53 -24.16
CA ALA B 245 -7.22 -1.65 -24.83
C ALA B 245 -7.18 -2.88 -23.94
N LEU B 246 -6.86 -2.68 -22.66
CA LEU B 246 -6.94 -3.79 -21.71
C LEU B 246 -8.35 -4.38 -21.70
N GLY B 247 -9.38 -3.53 -21.65
CA GLY B 247 -10.77 -4.03 -21.66
C GLY B 247 -11.05 -4.87 -22.88
N ARG B 248 -10.57 -4.43 -24.06
CA ARG B 248 -10.77 -5.18 -25.29
C ARG B 248 -10.04 -6.52 -25.25
N GLU B 249 -8.82 -6.56 -24.71
CA GLU B 249 -8.15 -7.85 -24.56
C GLU B 249 -8.95 -8.81 -23.68
N LEU B 250 -9.47 -8.35 -22.53
CA LEU B 250 -10.22 -9.29 -21.70
C LEU B 250 -11.50 -9.73 -22.40
N MET B 251 -12.16 -8.84 -23.14
CA MET B 251 -13.44 -9.25 -23.72
C MET B 251 -13.22 -10.22 -24.88
N LYS B 252 -12.04 -10.15 -25.53
CA LYS B 252 -11.67 -11.16 -26.52
C LYS B 252 -11.63 -12.55 -25.90
N ARG B 253 -11.06 -12.67 -24.70
CA ARG B 253 -10.90 -13.98 -24.08
C ARG B 253 -12.23 -14.60 -23.68
N ASP B 254 -13.32 -13.86 -23.78
CA ASP B 254 -14.65 -14.38 -23.47
C ASP B 254 -15.54 -14.50 -24.71
N THR B 255 -14.99 -14.27 -25.90
CA THR B 255 -15.77 -14.44 -27.14
C THR B 255 -15.85 -15.93 -27.51
MG MG C . 6.98 1.15 2.27
PG ATP D . 4.23 1.07 0.71
O1G ATP D . 5.00 0.79 1.94
O2G ATP D . 2.84 1.56 0.98
O3G ATP D . 4.28 -0.04 -0.29
PB ATP D . 5.65 3.59 0.67
O1B ATP D . 4.60 4.46 1.26
O2B ATP D . 6.76 3.11 1.52
O3B ATP D . 4.95 2.33 0.00
PA ATP D . 7.63 4.09 -1.35
O1A ATP D . 8.73 4.75 -0.58
O2A ATP D . 7.74 2.64 -1.65
O3A ATP D . 6.26 4.34 -0.60
O5' ATP D . 7.39 4.91 -2.69
C5' ATP D . 6.60 4.32 -3.74
C4' ATP D . 7.40 4.27 -5.01
O4' ATP D . 7.71 5.62 -5.43
C3' ATP D . 8.75 3.55 -4.90
O3' ATP D . 9.02 2.86 -6.11
C2' ATP D . 9.72 4.71 -4.61
O2' ATP D . 11.04 4.43 -5.04
C1' ATP D . 9.10 5.86 -5.40
N9 ATP D . 9.28 7.15 -4.79
C8 ATP D . 9.07 7.50 -3.49
N7 ATP D . 9.28 8.77 -3.26
C5 ATP D . 9.63 9.30 -4.49
C6 ATP D . 9.97 10.60 -4.91
N6 ATP D . 9.99 11.65 -4.10
N1 ATP D . 10.26 10.78 -6.22
C2 ATP D . 10.21 9.71 -7.03
N3 ATP D . 9.92 8.44 -6.75
C4 ATP D . 9.63 8.31 -5.45
MG MG E . -5.78 0.92 -4.03
PG ATP F . -2.91 1.12 -2.63
O1G ATP F . -3.00 2.24 -1.65
O2G ATP F . -1.77 0.20 -2.36
O3G ATP F . -4.20 0.39 -2.82
PB ATP F . -2.95 1.24 -5.50
O1B ATP F . -2.08 0.08 -5.80
O2B ATP F . -4.41 1.08 -5.61
O3B ATP F . -2.60 1.80 -4.05
PA ATP F . -3.31 3.74 -6.90
O1A ATP F . -3.85 4.40 -5.68
O2A ATP F . -4.24 3.36 -7.98
O3A ATP F . -2.49 2.46 -6.43
O5' ATP F . -2.13 4.62 -7.52
C5' ATP F . -1.23 5.31 -6.63
C4' ATP F . -1.28 6.78 -6.91
O4' ATP F . -0.74 7.04 -8.22
C3' ATP F . -2.69 7.40 -6.91
O3' ATP F . -2.66 8.73 -6.40
C2' ATP F . -3.08 7.34 -8.40
O2' ATP F . -4.01 8.33 -8.75
C1' ATP F . -1.74 7.53 -9.10
N9 ATP F . -1.60 6.79 -10.34
C8 ATP F . -1.89 5.48 -10.57
N7 ATP F . -1.63 5.10 -11.81
C5 ATP F . -1.11 6.24 -12.41
C6 ATP F . -0.64 6.48 -13.72
N6 ATP F . -0.58 5.56 -14.66
N1 ATP F . -0.19 7.73 -13.98
C2 ATP F . -0.23 8.64 -13.02
N3 ATP F . -0.66 8.53 -11.76
C4 ATP F . -1.09 7.28 -11.52
#